data_5USQ
#
_entry.id   5USQ
#
_cell.length_a   41.589
_cell.length_b   78.330
_cell.length_c   90.712
_cell.angle_alpha   90.000
_cell.angle_beta   90.000
_cell.angle_gamma   90.000
#
_symmetry.space_group_name_H-M   'P 21 21 21'
#
loop_
_entity.id
_entity.type
_entity.pdbx_description
1 polymer 'TGF-beta receptor type-1'
2 non-polymer N-[2-(5-chloro-2-fluorophenyl)pyridin-4-yl]-2-[(piperidin-4-yl)methyl]-2H-pyrazolo[4,3-b]pyridin-7-amine
3 water water
#
_entity_poly.entity_id   1
_entity_poly.type   'polypeptide(L)'
_entity_poly.pdbx_seq_one_letter_code
;TIARTIVLQESIGKGRFGEVWRGKWRGEEVAVKIFSSREERSWFREAEIYQTVMLRHENILGFIAADNKDNGTWTQLWLV
SDYHEHGSLFDYLNRYTVTVEGMIKLALSTASGLAHLHMEIVGTQGKPAIAHRDLKSKNILVKKNGTCCIADLGLAVRHD
SATDTIDIAPNHRVGTKRYMAPEVLDDSINMKHFESFKRADIYAMGLVFWEIARRCSIGGIHEDYQLPYYDLVPSDPSVE
EMRKVVCEQKLRPNIPNRWQSCEALRVMAKIMRECWYANGAARLTALRIKKTLSQLSQQ
;
_entity_poly.pdbx_strand_id   A
#
# COMPACT_ATOMS: atom_id res chain seq x y z
N THR A 1 -13.99 -27.07 -4.78
CA THR A 1 -15.09 -26.05 -4.70
C THR A 1 -14.73 -24.59 -5.06
N ILE A 2 -13.47 -24.29 -5.34
CA ILE A 2 -13.03 -22.91 -5.63
C ILE A 2 -12.26 -22.83 -6.94
N ALA A 3 -11.01 -23.30 -6.97
CA ALA A 3 -10.19 -23.30 -8.20
C ALA A 3 -10.78 -24.20 -9.28
N ARG A 4 -11.38 -25.30 -8.82
CA ARG A 4 -12.20 -26.20 -9.62
C ARG A 4 -13.27 -25.49 -10.47
N THR A 5 -13.96 -24.53 -9.86
CA THR A 5 -15.07 -23.82 -10.45
C THR A 5 -14.73 -22.39 -10.93
N ILE A 6 -13.45 -22.08 -11.13
CA ILE A 6 -13.08 -20.75 -11.65
C ILE A 6 -12.48 -20.82 -13.05
N VAL A 7 -12.98 -19.96 -13.92
CA VAL A 7 -12.50 -19.82 -15.28
C VAL A 7 -11.74 -18.51 -15.39
N LEU A 8 -10.46 -18.60 -15.72
CA LEU A 8 -9.61 -17.47 -16.04
C LEU A 8 -10.02 -16.91 -17.39
N GLN A 9 -10.13 -15.59 -17.46
CA GLN A 9 -10.55 -14.88 -18.68
C GLN A 9 -9.51 -13.96 -19.31
N GLU A 10 -8.66 -13.34 -18.50
CA GLU A 10 -7.81 -12.25 -18.97
C GLU A 10 -6.58 -12.11 -18.08
N SER A 11 -5.40 -12.01 -18.69
CA SER A 11 -4.15 -11.78 -17.96
C SER A 11 -4.01 -10.32 -17.54
N ILE A 12 -3.77 -10.11 -16.25
CA ILE A 12 -3.53 -8.78 -15.70
C ILE A 12 -2.05 -8.46 -15.72
N GLY A 13 -1.24 -9.35 -15.14
CA GLY A 13 0.22 -9.20 -15.18
C GLY A 13 0.97 -9.86 -14.04
N LYS A 14 2.28 -10.04 -14.24
CA LYS A 14 3.17 -10.61 -13.24
C LYS A 14 3.47 -9.65 -12.09
N GLY A 15 3.40 -10.15 -10.86
CA GLY A 15 3.88 -9.46 -9.66
C GLY A 15 5.31 -9.86 -9.34
N ARG A 16 5.71 -9.66 -8.08
CA ARG A 16 7.04 -10.07 -7.60
C ARG A 16 7.23 -11.56 -7.78
N PHE A 17 6.23 -12.32 -7.32
CA PHE A 17 6.22 -13.78 -7.39
C PHE A 17 5.03 -14.40 -8.12
N GLY A 18 3.94 -13.66 -8.30
CA GLY A 18 2.74 -14.25 -8.88
C GLY A 18 2.39 -13.70 -10.23
N GLU A 19 1.54 -14.43 -10.94
CA GLU A 19 0.89 -13.96 -12.15
C GLU A 19 -0.58 -13.68 -11.80
N VAL A 20 -1.07 -12.48 -12.10
CA VAL A 20 -2.45 -12.09 -11.77
C VAL A 20 -3.37 -12.20 -12.98
N TRP A 21 -4.57 -12.73 -12.74
CA TRP A 21 -5.59 -12.94 -13.77
C TRP A 21 -6.93 -12.38 -13.33
N ARG A 22 -7.76 -12.04 -14.30
CA ARG A 22 -9.18 -11.80 -14.04
C ARG A 22 -9.90 -13.14 -14.29
N GLY A 23 -10.66 -13.59 -13.32
CA GLY A 23 -11.35 -14.87 -13.39
C GLY A 23 -12.83 -14.70 -13.15
N LYS A 24 -13.57 -15.79 -13.33
CA LYS A 24 -15.00 -15.79 -13.06
C LYS A 24 -15.33 -16.94 -12.11
N TRP A 25 -16.05 -16.61 -11.04
CA TRP A 25 -16.43 -17.54 -10.00
C TRP A 25 -17.91 -17.33 -9.71
N ARG A 26 -18.74 -18.30 -10.07
CA ARG A 26 -20.20 -18.21 -9.94
C ARG A 26 -20.78 -17.02 -10.72
N GLY A 27 -20.20 -16.76 -11.90
CA GLY A 27 -20.54 -15.59 -12.71
C GLY A 27 -20.09 -14.24 -12.18
N GLU A 28 -19.23 -14.24 -11.15
CA GLU A 28 -18.79 -13.03 -10.49
C GLU A 28 -17.31 -12.84 -10.81
N GLU A 29 -16.88 -11.58 -10.98
CA GLU A 29 -15.47 -11.30 -11.29
C GLU A 29 -14.64 -11.41 -10.02
N VAL A 30 -13.50 -12.09 -10.16
CA VAL A 30 -12.52 -12.20 -9.08
C VAL A 30 -11.13 -12.04 -9.64
N ALA A 31 -10.16 -11.75 -8.77
CA ALA A 31 -8.76 -11.70 -9.15
C ALA A 31 -8.12 -12.98 -8.65
N VAL A 32 -7.23 -13.54 -9.46
CA VAL A 32 -6.58 -14.81 -9.15
C VAL A 32 -5.08 -14.61 -9.32
N LYS A 33 -4.32 -14.98 -8.29
CA LYS A 33 -2.86 -14.92 -8.33
C LYS A 33 -2.34 -16.35 -8.35
N ILE A 34 -1.53 -16.65 -9.35
CA ILE A 34 -1.06 -18.03 -9.58
C ILE A 34 0.46 -18.10 -9.48
N PHE A 35 0.95 -19.06 -8.69
CA PHE A 35 2.37 -19.31 -8.47
C PHE A 35 2.72 -20.71 -8.97
N SER A 36 3.95 -20.90 -9.44
CA SER A 36 4.48 -22.25 -9.67
C SER A 36 4.79 -22.92 -8.34
N SER A 37 5.05 -24.22 -8.38
CA SER A 37 5.35 -24.99 -7.18
C SER A 37 6.66 -24.56 -6.51
N ARG A 38 7.63 -24.10 -7.30
CA ARG A 38 8.89 -23.59 -6.75
C ARG A 38 8.76 -22.26 -6.02
N GLU A 39 7.59 -21.65 -6.09
CA GLU A 39 7.27 -20.43 -5.34
C GLU A 39 6.35 -20.72 -4.14
N GLU A 40 6.39 -21.95 -3.62
CA GLU A 40 5.53 -22.36 -2.51
C GLU A 40 5.64 -21.45 -1.28
N ARG A 41 6.85 -20.98 -0.99
CA ARG A 41 7.07 -20.13 0.18
C ARG A 41 6.42 -18.75 0.09
N SER A 42 6.50 -18.11 -1.09
CA SER A 42 5.84 -16.82 -1.29
C SER A 42 4.32 -16.95 -1.21
N TRP A 43 3.80 -17.97 -1.86
CA TRP A 43 2.36 -18.23 -1.88
C TRP A 43 1.84 -18.48 -0.48
N PHE A 44 2.55 -19.30 0.28
CA PHE A 44 2.13 -19.64 1.64
C PHE A 44 2.18 -18.44 2.56
N ARG A 45 3.30 -17.71 2.55
CA ARG A 45 3.44 -16.51 3.37
C ARG A 45 2.31 -15.54 3.08
N GLU A 46 2.02 -15.31 1.81
CA GLU A 46 0.97 -14.38 1.40
C GLU A 46 -0.42 -14.88 1.86
N ALA A 47 -0.67 -16.18 1.74
CA ALA A 47 -1.91 -16.76 2.21
C ALA A 47 -2.08 -16.64 3.73
N GLU A 48 -0.99 -16.88 4.45
CA GLU A 48 -0.91 -16.68 5.89
C GLU A 48 -1.31 -15.25 6.32
N ILE A 49 -0.74 -14.24 5.66
CA ILE A 49 -1.03 -12.83 5.95
C ILE A 49 -2.52 -12.54 5.80
N TYR A 50 -3.04 -12.90 4.63
CA TYR A 50 -4.44 -12.61 4.29
C TYR A 50 -5.49 -13.41 5.07
N GLN A 51 -5.04 -14.47 5.75
CA GLN A 51 -5.91 -15.26 6.63
C GLN A 51 -5.79 -14.87 8.10
N THR A 52 -5.12 -13.75 8.36
CA THR A 52 -4.97 -13.22 9.71
C THR A 52 -6.35 -12.95 10.31
N VAL A 53 -6.50 -13.31 11.58
CA VAL A 53 -7.72 -13.08 12.35
C VAL A 53 -8.09 -11.59 12.28
N MET A 54 -9.37 -11.30 12.06
CA MET A 54 -9.90 -9.92 12.09
C MET A 54 -9.25 -8.93 11.09
N LEU A 55 -8.71 -9.43 9.99
CA LEU A 55 -8.04 -8.59 9.01
C LEU A 55 -9.01 -7.82 8.10
N ARG A 56 -10.16 -8.41 7.80
CA ARG A 56 -11.08 -7.82 6.84
C ARG A 56 -11.49 -6.40 7.23
N HIS A 57 -11.46 -5.52 6.23
CA HIS A 57 -11.74 -4.10 6.41
C HIS A 57 -12.15 -3.59 5.02
N GLU A 58 -13.04 -2.61 4.97
CA GLU A 58 -13.46 -2.00 3.71
C GLU A 58 -12.29 -1.45 2.85
N ASN A 59 -11.25 -0.97 3.51
CA ASN A 59 -10.06 -0.42 2.88
C ASN A 59 -8.83 -1.37 2.86
N ILE A 60 -9.10 -2.68 2.94
CA ILE A 60 -8.11 -3.72 2.69
C ILE A 60 -8.71 -4.68 1.68
N LEU A 61 -7.90 -5.10 0.70
CA LEU A 61 -8.38 -5.99 -0.37
C LEU A 61 -9.04 -7.24 0.22
N GLY A 62 -10.21 -7.57 -0.31
CA GLY A 62 -11.03 -8.68 0.17
C GLY A 62 -10.50 -10.02 -0.31
N PHE A 63 -9.94 -10.78 0.62
CA PHE A 63 -9.40 -12.11 0.34
C PHE A 63 -10.54 -13.13 0.33
N ILE A 64 -10.52 -14.04 -0.65
CA ILE A 64 -11.54 -15.09 -0.79
C ILE A 64 -11.01 -16.46 -0.36
N ALA A 65 -9.92 -16.92 -0.98
CA ALA A 65 -9.32 -18.21 -0.62
C ALA A 65 -7.94 -18.46 -1.23
N ALA A 66 -7.20 -19.38 -0.61
CA ALA A 66 -6.07 -20.05 -1.23
C ALA A 66 -6.48 -21.47 -1.63
N ASP A 67 -5.98 -21.94 -2.77
CA ASP A 67 -6.31 -23.27 -3.27
C ASP A 67 -5.18 -23.82 -4.15
N ASN A 68 -5.28 -25.10 -4.50
CA ASN A 68 -4.39 -25.73 -5.46
C ASN A 68 -5.20 -26.24 -6.63
N LYS A 69 -4.58 -26.24 -7.82
CA LYS A 69 -5.22 -26.74 -9.02
C LYS A 69 -4.19 -27.56 -9.81
N ASP A 70 -4.46 -28.87 -9.93
CA ASP A 70 -3.68 -29.77 -10.78
C ASP A 70 -4.35 -29.80 -12.16
N ASN A 71 -3.60 -29.40 -13.20
CA ASN A 71 -4.10 -29.43 -14.59
C ASN A 71 -3.92 -30.79 -15.31
N GLY A 72 -3.18 -31.72 -14.69
CA GLY A 72 -2.84 -33.03 -15.26
C GLY A 72 -1.35 -33.23 -15.46
N THR A 73 -0.62 -32.12 -15.60
CA THR A 73 0.82 -32.13 -15.80
C THR A 73 1.56 -31.52 -14.60
N TRP A 74 1.08 -30.36 -14.14
CA TRP A 74 1.66 -29.72 -12.96
C TRP A 74 0.57 -29.09 -12.07
N THR A 75 1.00 -28.66 -10.89
CA THR A 75 0.12 -28.08 -9.89
C THR A 75 0.37 -26.57 -9.79
N GLN A 76 -0.72 -25.81 -9.81
CA GLN A 76 -0.70 -24.36 -9.61
C GLN A 76 -1.12 -24.06 -8.18
N LEU A 77 -0.44 -23.10 -7.56
CA LEU A 77 -0.81 -22.60 -6.24
C LEU A 77 -1.62 -21.31 -6.41
N TRP A 78 -2.88 -21.32 -6.00
CA TRP A 78 -3.82 -20.20 -6.25
C TRP A 78 -4.08 -19.35 -5.01
N LEU A 79 -4.19 -18.05 -5.23
CA LEU A 79 -4.81 -17.12 -4.29
C LEU A 79 -5.93 -16.43 -5.03
N VAL A 80 -7.05 -16.18 -4.37
CA VAL A 80 -8.23 -15.58 -4.99
C VAL A 80 -8.72 -14.41 -4.14
N SER A 81 -9.09 -13.31 -4.81
CA SER A 81 -9.59 -12.10 -4.13
C SER A 81 -10.65 -11.36 -4.94
N ASP A 82 -11.15 -10.25 -4.38
CA ASP A 82 -12.08 -9.38 -5.06
C ASP A 82 -11.40 -8.75 -6.27
N TYR A 83 -12.18 -8.57 -7.35
CA TYR A 83 -11.75 -7.82 -8.51
C TYR A 83 -12.22 -6.37 -8.39
N HIS A 84 -11.33 -5.43 -8.74
CA HIS A 84 -11.62 -3.99 -8.72
C HIS A 84 -11.33 -3.37 -10.08
N GLU A 85 -12.42 -3.04 -10.78
CA GLU A 85 -12.45 -2.64 -12.19
C GLU A 85 -11.60 -1.41 -12.54
N HIS A 86 -11.47 -0.46 -11.60
CA HIS A 86 -10.60 0.72 -11.79
C HIS A 86 -9.09 0.43 -11.71
N GLY A 87 -8.70 -0.72 -11.16
CA GLY A 87 -7.30 -1.06 -11.00
C GLY A 87 -6.62 -0.26 -9.91
N SER A 88 -5.32 -0.03 -10.07
CA SER A 88 -4.52 0.59 -9.02
C SER A 88 -4.79 2.08 -8.92
N LEU A 89 -4.49 2.64 -7.76
CA LEU A 89 -4.49 4.09 -7.58
C LEU A 89 -3.57 4.76 -8.59
N PHE A 90 -2.45 4.12 -8.86
CA PHE A 90 -1.53 4.54 -9.91
C PHE A 90 -2.23 4.69 -11.26
N ASP A 91 -2.91 3.63 -11.70
CA ASP A 91 -3.69 3.68 -12.94
C ASP A 91 -4.70 4.82 -12.90
N TYR A 92 -5.42 4.91 -11.78
CA TYR A 92 -6.47 5.90 -11.59
C TYR A 92 -5.98 7.34 -11.75
N LEU A 93 -4.88 7.66 -11.06
CA LEU A 93 -4.33 9.01 -11.08
C LEU A 93 -3.75 9.39 -12.44
N ASN A 94 -3.28 8.40 -13.19
CA ASN A 94 -2.84 8.64 -14.59
C ASN A 94 -4.02 8.95 -15.52
N ARG A 95 -5.15 8.27 -15.31
CA ARG A 95 -6.35 8.49 -16.13
C ARG A 95 -7.06 9.80 -15.83
N TYR A 96 -7.16 10.16 -14.54
CA TYR A 96 -8.09 11.20 -14.11
C TYR A 96 -7.47 12.23 -13.21
N THR A 97 -8.15 13.36 -13.13
CA THR A 97 -7.95 14.33 -12.07
C THR A 97 -9.07 14.09 -11.07
N VAL A 98 -8.89 14.59 -9.85
CA VAL A 98 -9.94 14.48 -8.82
C VAL A 98 -10.37 15.85 -8.32
N THR A 99 -11.53 15.86 -7.68
CA THR A 99 -12.03 17.05 -6.99
C THR A 99 -11.43 17.09 -5.59
N VAL A 100 -11.70 18.16 -4.85
CA VAL A 100 -11.28 18.25 -3.46
C VAL A 100 -11.90 17.10 -2.66
N GLU A 101 -13.21 16.92 -2.79
CA GLU A 101 -13.91 15.82 -2.12
C GLU A 101 -13.28 14.47 -2.47
N GLY A 102 -12.96 14.28 -3.76
CA GLY A 102 -12.36 13.06 -4.27
C GLY A 102 -10.95 12.79 -3.79
N MET A 103 -10.14 13.85 -3.68
CA MET A 103 -8.81 13.77 -3.08
C MET A 103 -8.90 13.27 -1.64
N ILE A 104 -9.81 13.86 -0.87
CA ILE A 104 -9.94 13.55 0.55
C ILE A 104 -10.41 12.10 0.72
N LYS A 105 -11.31 11.65 -0.17
CA LYS A 105 -11.80 10.28 -0.14
C LYS A 105 -10.70 9.25 -0.33
N LEU A 106 -9.83 9.49 -1.30
CA LEU A 106 -8.73 8.58 -1.60
C LEU A 106 -7.70 8.53 -0.45
N ALA A 107 -7.31 9.70 0.05
CA ALA A 107 -6.38 9.80 1.18
C ALA A 107 -6.94 9.29 2.52
N LEU A 108 -8.23 9.49 2.77
CA LEU A 108 -8.85 9.08 4.04
C LEU A 108 -8.97 7.55 4.12
N SER A 109 -9.50 6.94 3.07
CA SER A 109 -9.64 5.48 3.02
C SER A 109 -8.29 4.76 3.05
N THR A 110 -7.29 5.35 2.40
CA THR A 110 -5.93 4.82 2.45
C THR A 110 -5.46 4.88 3.90
N ALA A 111 -5.54 6.06 4.52
CA ALA A 111 -5.15 6.23 5.92
C ALA A 111 -5.92 5.29 6.86
N SER A 112 -7.20 5.08 6.57
CA SER A 112 -8.06 4.20 7.37
C SER A 112 -7.64 2.72 7.31
N GLY A 113 -7.34 2.23 6.11
CA GLY A 113 -6.83 0.87 5.93
C GLY A 113 -5.51 0.63 6.64
N LEU A 114 -4.60 1.58 6.47
CA LEU A 114 -3.27 1.49 7.09
C LEU A 114 -3.34 1.50 8.63
N ALA A 115 -4.19 2.36 9.16
CA ALA A 115 -4.43 2.46 10.60
C ALA A 115 -5.00 1.16 11.15
N HIS A 116 -5.93 0.56 10.40
CA HIS A 116 -6.47 -0.74 10.73
C HIS A 116 -5.37 -1.82 10.68
N LEU A 117 -4.59 -1.85 9.59
CA LEU A 117 -3.39 -2.70 9.53
C LEU A 117 -2.48 -2.57 10.75
N HIS A 118 -2.13 -1.33 11.10
CA HIS A 118 -1.26 -1.04 12.25
C HIS A 118 -1.84 -1.34 13.63
N MET A 119 -3.17 -1.31 13.74
CA MET A 119 -3.87 -1.48 15.02
C MET A 119 -3.87 -2.94 15.50
N GLU A 120 -3.24 -3.17 16.65
CA GLU A 120 -3.47 -4.37 17.43
C GLU A 120 -4.91 -4.32 17.96
N ILE A 121 -5.72 -5.34 17.66
CA ILE A 121 -7.05 -5.49 18.27
C ILE A 121 -7.00 -6.58 19.33
N VAL A 122 -7.57 -6.28 20.50
CA VAL A 122 -7.54 -7.19 21.67
C VAL A 122 -8.75 -8.11 21.73
N GLY A 123 -8.67 -9.10 22.61
CA GLY A 123 -9.74 -10.07 22.79
C GLY A 123 -9.35 -11.41 22.23
N THR A 124 -10.31 -12.33 22.28
CA THR A 124 -10.08 -13.71 21.91
C THR A 124 -9.65 -13.79 20.45
N GLN A 125 -10.47 -13.24 19.58
CA GLN A 125 -10.17 -13.17 18.16
C GLN A 125 -9.36 -11.90 17.90
N GLY A 126 -8.24 -11.74 18.58
CA GLY A 126 -7.48 -10.49 18.50
C GLY A 126 -6.69 -10.46 17.22
N LYS A 127 -6.37 -9.27 16.73
CA LYS A 127 -5.62 -9.09 15.50
C LYS A 127 -4.28 -8.49 15.88
N PRO A 128 -3.18 -9.04 15.33
CA PRO A 128 -1.87 -8.46 15.61
C PRO A 128 -1.63 -7.21 14.77
N ALA A 129 -0.79 -6.32 15.28
CA ALA A 129 -0.35 -5.17 14.52
C ALA A 129 0.43 -5.68 13.31
N ILE A 130 0.18 -5.08 12.14
CA ILE A 130 0.81 -5.47 10.89
C ILE A 130 1.43 -4.25 10.24
N ALA A 131 2.65 -4.40 9.74
CA ALA A 131 3.29 -3.39 8.90
C ALA A 131 3.44 -3.94 7.48
N HIS A 132 3.12 -3.10 6.50
CA HIS A 132 3.04 -3.48 5.08
C HIS A 132 4.41 -3.68 4.40
N ARG A 133 5.29 -2.68 4.50
CA ARG A 133 6.69 -2.68 3.98
C ARG A 133 6.92 -2.47 2.46
N ASP A 134 5.86 -2.50 1.67
CA ASP A 134 5.88 -2.09 0.27
C ASP A 134 4.66 -1.23 -0.11
N LEU A 135 4.39 -0.22 0.71
CA LEU A 135 3.29 0.69 0.43
C LEU A 135 3.66 1.68 -0.68
N LYS A 136 2.78 1.78 -1.68
CA LYS A 136 2.93 2.69 -2.82
C LYS A 136 1.63 2.73 -3.62
N SER A 137 1.55 3.62 -4.60
CA SER A 137 0.32 3.80 -5.38
C SER A 137 -0.04 2.59 -6.26
N LYS A 138 0.97 1.85 -6.71
CA LYS A 138 0.73 0.63 -7.49
C LYS A 138 0.21 -0.57 -6.67
N ASN A 139 0.34 -0.51 -5.34
CA ASN A 139 -0.14 -1.56 -4.43
C ASN A 139 -1.40 -1.15 -3.68
N ILE A 140 -2.11 -0.14 -4.20
CA ILE A 140 -3.40 0.30 -3.67
C ILE A 140 -4.39 0.30 -4.83
N LEU A 141 -5.60 -0.21 -4.57
CA LEU A 141 -6.66 -0.31 -5.57
C LEU A 141 -7.79 0.65 -5.27
N VAL A 142 -8.49 1.08 -6.33
CA VAL A 142 -9.63 2.01 -6.22
C VAL A 142 -10.93 1.24 -6.52
N LYS A 143 -11.86 1.28 -5.56
CA LYS A 143 -13.14 0.58 -5.68
C LYS A 143 -14.16 1.43 -6.44
N LYS A 144 -15.28 0.80 -6.82
CA LYS A 144 -16.33 1.48 -7.60
C LYS A 144 -16.93 2.74 -6.96
N ASN A 145 -16.89 2.84 -5.63
CA ASN A 145 -17.32 4.04 -4.90
C ASN A 145 -16.27 5.14 -4.74
N GLY A 146 -15.14 5.02 -5.44
CA GLY A 146 -14.07 6.02 -5.34
C GLY A 146 -13.25 6.03 -4.05
N THR A 147 -13.30 4.95 -3.28
CA THR A 147 -12.48 4.78 -2.07
C THR A 147 -11.40 3.73 -2.34
N CYS A 148 -10.30 3.83 -1.60
CA CYS A 148 -9.15 2.95 -1.77
C CYS A 148 -9.22 1.69 -0.92
N CYS A 149 -8.57 0.64 -1.40
CA CYS A 149 -8.22 -0.49 -0.53
C CYS A 149 -6.81 -0.96 -0.83
N ILE A 150 -6.11 -1.33 0.25
CA ILE A 150 -4.68 -1.66 0.20
C ILE A 150 -4.52 -3.13 -0.18
N ALA A 151 -3.52 -3.37 -1.03
CA ALA A 151 -3.28 -4.68 -1.63
C ALA A 151 -1.83 -5.03 -1.40
N ASP A 152 -1.41 -6.19 -1.91
CA ASP A 152 0.00 -6.61 -1.93
C ASP A 152 0.58 -6.67 -0.53
N LEU A 153 -0.07 -7.47 0.32
CA LEU A 153 0.37 -7.64 1.70
C LEU A 153 1.46 -8.71 1.88
N GLY A 154 1.92 -9.33 0.80
CA GLY A 154 2.81 -10.48 0.88
C GLY A 154 4.15 -10.29 1.59
N LEU A 155 4.63 -9.05 1.67
CA LEU A 155 5.87 -8.69 2.36
C LEU A 155 5.69 -8.17 3.78
N ALA A 156 4.46 -8.24 4.30
CA ALA A 156 4.13 -7.68 5.60
C ALA A 156 4.79 -8.43 6.74
N VAL A 157 4.83 -7.77 7.90
CA VAL A 157 5.33 -8.34 9.16
C VAL A 157 4.26 -8.17 10.24
N ARG A 158 4.01 -9.23 10.98
CA ARG A 158 2.99 -9.24 12.02
C ARG A 158 3.71 -9.28 13.35
N HIS A 159 3.15 -8.57 14.32
CA HIS A 159 3.76 -8.39 15.63
C HIS A 159 2.93 -9.06 16.72
N ASP A 160 3.54 -9.99 17.44
CA ASP A 160 2.93 -10.59 18.61
C ASP A 160 3.38 -9.79 19.82
N SER A 161 2.48 -8.95 20.34
CA SER A 161 2.77 -8.10 21.51
C SER A 161 2.99 -8.89 22.80
N ALA A 162 2.51 -10.15 22.85
CA ALA A 162 2.77 -11.06 23.97
C ALA A 162 4.28 -11.27 24.19
N THR A 163 4.93 -12.02 23.29
CA THR A 163 6.38 -12.28 23.40
C THR A 163 7.27 -11.15 22.86
N ASP A 164 6.66 -10.10 22.32
CA ASP A 164 7.38 -8.93 21.76
C ASP A 164 8.27 -9.31 20.56
N THR A 165 7.76 -10.21 19.73
CA THR A 165 8.49 -10.70 18.58
C THR A 165 7.65 -10.55 17.34
N ILE A 166 8.34 -10.42 16.21
CA ILE A 166 7.73 -10.42 14.89
C ILE A 166 7.76 -11.83 14.35
N ASP A 167 6.83 -12.14 13.45
CA ASP A 167 6.61 -13.53 13.04
C ASP A 167 7.59 -14.06 11.99
N ILE A 168 8.42 -13.19 11.41
CA ILE A 168 9.48 -13.61 10.49
C ILE A 168 10.80 -12.93 10.82
N ALA A 169 11.91 -13.53 10.39
CA ALA A 169 13.25 -12.94 10.56
C ALA A 169 13.51 -12.02 9.36
N PRO A 170 13.46 -10.68 9.55
CA PRO A 170 13.46 -9.80 8.38
C PRO A 170 14.85 -9.46 7.81
N ASN A 171 15.13 -10.02 6.64
CA ASN A 171 16.21 -9.54 5.77
C ASN A 171 15.89 -8.13 5.38
N HIS A 172 16.89 -7.27 5.41
CA HIS A 172 16.69 -5.86 5.21
C HIS A 172 16.34 -5.57 3.74
N ARG A 173 15.53 -4.53 3.54
CA ARG A 173 15.29 -3.90 2.23
C ARG A 173 14.62 -4.79 1.22
N VAL A 174 13.31 -4.93 1.41
CA VAL A 174 12.48 -5.81 0.59
C VAL A 174 11.58 -5.04 -0.38
N GLY A 175 11.16 -3.84 0.01
CA GLY A 175 10.17 -3.08 -0.75
C GLY A 175 10.66 -2.41 -2.02
N THR A 176 9.86 -1.48 -2.52
CA THR A 176 10.21 -0.67 -3.69
C THR A 176 11.14 0.47 -3.27
N LYS A 177 12.28 0.57 -3.93
CA LYS A 177 13.38 1.46 -3.51
C LYS A 177 12.99 2.94 -3.47
N ARG A 178 12.26 3.38 -4.49
CA ARG A 178 11.76 4.76 -4.58
C ARG A 178 10.96 5.20 -3.35
N TYR A 179 10.22 4.27 -2.73
CA TYR A 179 9.41 4.55 -1.56
C TYR A 179 10.04 4.15 -0.24
N MET A 180 11.33 3.82 -0.22
CA MET A 180 11.98 3.44 1.04
C MET A 180 12.26 4.67 1.88
N ALA A 181 11.99 4.54 3.18
CA ALA A 181 12.26 5.59 4.16
C ALA A 181 13.78 5.76 4.31
N PRO A 182 14.22 6.99 4.68
CA PRO A 182 15.66 7.24 4.81
C PRO A 182 16.41 6.22 5.69
N GLU A 183 15.82 5.89 6.85
CA GLU A 183 16.37 4.87 7.76
C GLU A 183 16.50 3.47 7.14
N VAL A 184 15.65 3.16 6.15
CA VAL A 184 15.77 1.94 5.35
C VAL A 184 16.92 2.06 4.35
N LEU A 185 16.98 3.19 3.64
CA LEU A 185 18.03 3.43 2.64
C LEU A 185 19.45 3.44 3.22
N ASP A 186 19.65 4.14 4.35
CA ASP A 186 20.96 4.19 5.03
C ASP A 186 21.19 3.06 6.04
N ASP A 187 20.23 2.14 6.16
CA ASP A 187 20.40 0.91 6.94
C ASP A 187 20.58 1.13 8.45
N SER A 188 19.98 2.20 8.96
CA SER A 188 20.02 2.51 10.37
C SER A 188 18.72 2.11 11.08
N ILE A 189 17.76 1.56 10.34
CA ILE A 189 16.47 1.13 10.93
C ILE A 189 16.64 0.05 12.00
N ASN A 190 16.11 0.33 13.19
CA ASN A 190 16.13 -0.63 14.28
C ASN A 190 14.96 -1.60 14.14
N MET A 191 15.24 -2.80 13.64
CA MET A 191 14.21 -3.81 13.37
C MET A 191 13.84 -4.67 14.57
N LYS A 192 14.52 -4.52 15.71
CA LYS A 192 14.06 -5.11 16.97
C LYS A 192 12.92 -4.27 17.60
N HIS A 193 12.51 -3.21 16.92
CA HIS A 193 11.43 -2.34 17.38
C HIS A 193 10.35 -2.29 16.29
N PHE A 194 9.17 -2.82 16.58
CA PHE A 194 8.11 -2.96 15.57
C PHE A 194 7.57 -1.62 15.08
N GLU A 195 7.57 -0.63 15.97
CA GLU A 195 7.20 0.73 15.62
C GLU A 195 8.00 1.27 14.44
N SER A 196 9.25 0.83 14.30
CA SER A 196 10.08 1.21 13.15
C SER A 196 9.45 0.88 11.80
N PHE A 197 8.81 -0.28 11.70
CA PHE A 197 8.14 -0.67 10.45
C PHE A 197 6.89 0.16 10.17
N LYS A 198 6.15 0.49 11.23
CA LYS A 198 4.99 1.38 11.13
C LYS A 198 5.40 2.77 10.61
N ARG A 199 6.47 3.31 11.18
CA ARG A 199 6.96 4.63 10.78
C ARG A 199 7.44 4.70 9.31
N ALA A 200 7.98 3.58 8.81
CA ALA A 200 8.37 3.49 7.41
C ALA A 200 7.15 3.38 6.47
N ASP A 201 6.08 2.73 6.91
CA ASP A 201 4.83 2.73 6.12
C ASP A 201 4.29 4.14 5.95
N ILE A 202 4.36 4.93 7.03
CA ILE A 202 3.86 6.31 7.03
C ILE A 202 4.61 7.23 6.05
N TYR A 203 5.93 7.15 6.05
CA TYR A 203 6.77 7.88 5.08
C TYR A 203 6.30 7.61 3.65
N ALA A 204 6.14 6.32 3.34
CA ALA A 204 5.67 5.89 2.02
C ALA A 204 4.28 6.43 1.70
N MET A 205 3.40 6.44 2.70
CA MET A 205 2.05 6.95 2.53
C MET A 205 2.04 8.44 2.22
N GLY A 206 2.91 9.20 2.88
CA GLY A 206 3.13 10.61 2.53
C GLY A 206 3.41 10.83 1.06
N LEU A 207 4.28 9.99 0.49
CA LEU A 207 4.59 10.04 -0.92
C LEU A 207 3.35 9.81 -1.77
N VAL A 208 2.56 8.81 -1.38
CA VAL A 208 1.27 8.52 -2.04
C VAL A 208 0.30 9.71 -1.96
N PHE A 209 0.25 10.37 -0.80
CA PHE A 209 -0.60 11.55 -0.64
C PHE A 209 -0.20 12.67 -1.61
N TRP A 210 1.11 12.86 -1.77
CA TRP A 210 1.65 13.79 -2.75
C TRP A 210 1.19 13.45 -4.18
N GLU A 211 1.28 12.17 -4.55
CA GLU A 211 0.82 11.70 -5.87
C GLU A 211 -0.65 12.06 -6.13
N ILE A 212 -1.49 11.89 -5.10
CA ILE A 212 -2.91 12.22 -5.16
C ILE A 212 -3.14 13.73 -5.34
N ALA A 213 -2.55 14.52 -4.44
CA ALA A 213 -2.74 15.97 -4.38
C ALA A 213 -2.44 16.69 -5.68
N ARG A 214 -1.38 16.28 -6.37
CA ARG A 214 -1.04 16.80 -7.71
C ARG A 214 -2.20 16.76 -8.71
N ARG A 215 -3.05 15.74 -8.57
CA ARG A 215 -4.15 15.50 -9.50
C ARG A 215 -5.47 16.10 -9.02
N CYS A 216 -5.45 16.83 -7.91
CA CYS A 216 -6.61 17.56 -7.43
C CYS A 216 -6.71 18.82 -8.28
N SER A 217 -7.77 18.93 -9.06
CA SER A 217 -7.98 20.05 -9.99
C SER A 217 -8.97 21.04 -9.38
N ILE A 218 -8.50 22.27 -9.11
CA ILE A 218 -9.36 23.36 -8.63
C ILE A 218 -9.37 24.46 -9.68
N GLY A 219 -10.54 24.70 -10.26
CA GLY A 219 -10.72 25.72 -11.29
C GLY A 219 -9.92 25.49 -12.57
N GLY A 220 -9.65 24.22 -12.90
CA GLY A 220 -8.91 23.87 -14.11
C GLY A 220 -7.41 23.66 -13.94
N ILE A 221 -6.86 24.15 -12.82
CA ILE A 221 -5.42 24.05 -12.57
C ILE A 221 -5.07 22.77 -11.80
N HIS A 222 -4.10 22.04 -12.32
CA HIS A 222 -3.56 20.84 -11.69
C HIS A 222 -2.22 20.49 -12.33
N GLU A 223 -1.46 19.65 -11.63
CA GLU A 223 -0.21 19.09 -12.16
C GLU A 223 -0.52 17.74 -12.80
N ASP A 224 0.29 17.35 -13.79
CA ASP A 224 0.13 16.02 -14.38
C ASP A 224 0.72 14.94 -13.47
N TYR A 225 0.44 13.67 -13.77
CA TYR A 225 0.88 12.59 -12.89
C TYR A 225 2.40 12.37 -12.95
N GLN A 226 3.04 12.34 -11.78
CA GLN A 226 4.40 11.81 -11.64
C GLN A 226 4.51 10.92 -10.40
N LEU A 227 5.53 10.07 -10.40
CA LEU A 227 5.93 9.33 -9.22
C LEU A 227 6.76 10.25 -8.34
N PRO A 228 6.90 9.92 -7.04
CA PRO A 228 7.76 10.75 -6.21
C PRO A 228 9.21 10.61 -6.65
N TYR A 229 9.97 11.70 -6.55
CA TYR A 229 11.37 11.77 -7.02
C TYR A 229 11.57 11.57 -8.53
N TYR A 230 10.52 11.74 -9.32
CA TYR A 230 10.62 11.71 -10.80
C TYR A 230 11.67 12.70 -11.32
N ASP A 231 11.80 13.82 -10.62
CA ASP A 231 12.72 14.91 -10.96
C ASP A 231 14.15 14.73 -10.47
N LEU A 232 14.42 13.64 -9.75
CA LEU A 232 15.69 13.43 -9.05
C LEU A 232 16.42 12.11 -9.32
N VAL A 233 15.70 11.08 -9.75
CA VAL A 233 16.30 9.76 -9.95
C VAL A 233 15.79 9.16 -11.25
N PRO A 234 16.53 8.20 -11.83
CA PRO A 234 16.00 7.51 -13.02
C PRO A 234 14.81 6.62 -12.69
N SER A 235 14.22 6.01 -13.72
CA SER A 235 12.97 5.23 -13.60
C SER A 235 13.09 4.01 -12.68
N ASP A 236 14.19 3.28 -12.81
CA ASP A 236 14.50 2.16 -11.94
C ASP A 236 15.73 2.50 -11.09
N PRO A 237 15.54 3.36 -10.05
CA PRO A 237 16.67 3.82 -9.26
C PRO A 237 17.25 2.74 -8.36
N SER A 238 18.56 2.74 -8.17
CA SER A 238 19.22 1.89 -7.19
C SER A 238 19.12 2.51 -5.81
N VAL A 239 19.50 1.74 -4.79
CA VAL A 239 19.45 2.14 -3.38
C VAL A 239 20.44 3.28 -3.12
N GLU A 240 21.63 3.17 -3.71
CA GLU A 240 22.65 4.21 -3.63
C GLU A 240 22.17 5.55 -4.25
N GLU A 241 21.40 5.46 -5.33
CA GLU A 241 20.82 6.64 -5.97
C GLU A 241 19.76 7.32 -5.10
N MET A 242 18.91 6.51 -4.47
CA MET A 242 17.90 7.02 -3.55
C MET A 242 18.52 7.62 -2.30
N ARG A 243 19.48 6.89 -1.73
CA ARG A 243 20.16 7.30 -0.49
C ARG A 243 20.83 8.67 -0.61
N LYS A 244 21.50 8.91 -1.74
CA LYS A 244 22.14 10.21 -2.02
C LYS A 244 21.14 11.37 -2.10
N VAL A 245 19.96 11.12 -2.63
CA VAL A 245 18.90 12.11 -2.74
C VAL A 245 18.18 12.31 -1.40
N VAL A 246 17.66 11.23 -0.84
CA VAL A 246 16.81 11.25 0.35
C VAL A 246 17.60 11.46 1.65
N CYS A 247 18.75 10.78 1.79
CA CYS A 247 19.52 10.79 3.05
C CYS A 247 20.64 11.84 3.06
N GLU A 248 21.41 11.93 1.97
CA GLU A 248 22.56 12.83 1.93
C GLU A 248 22.17 14.27 1.60
N GLN A 249 21.40 14.45 0.53
CA GLN A 249 20.93 15.77 0.13
C GLN A 249 19.63 16.16 0.86
N LYS A 250 18.95 15.16 1.42
CA LYS A 250 17.78 15.35 2.29
C LYS A 250 16.61 16.04 1.58
N LEU A 251 16.40 15.66 0.32
CA LEU A 251 15.36 16.22 -0.52
C LEU A 251 14.09 15.37 -0.44
N ARG A 252 12.96 16.03 -0.63
CA ARG A 252 11.64 15.40 -0.69
C ARG A 252 10.92 15.94 -1.92
N PRO A 253 9.77 15.34 -2.28
CA PRO A 253 9.02 15.88 -3.41
C PRO A 253 8.61 17.32 -3.18
N ASN A 254 8.66 18.14 -4.22
CA ASN A 254 8.33 19.57 -4.09
C ASN A 254 6.85 19.74 -3.83
N ILE A 255 6.53 20.60 -2.86
CA ILE A 255 5.17 21.05 -2.61
C ILE A 255 4.89 22.25 -3.54
N PRO A 256 3.97 22.09 -4.52
CA PRO A 256 3.61 23.19 -5.41
C PRO A 256 3.18 24.46 -4.70
N ASN A 257 3.39 25.59 -5.37
CA ASN A 257 3.06 26.89 -4.79
C ASN A 257 1.55 27.08 -4.59
N ARG A 258 0.76 26.63 -5.58
CA ARG A 258 -0.71 26.80 -5.56
C ARG A 258 -1.46 26.14 -4.40
N TRP A 259 -0.87 25.12 -3.75
CA TRP A 259 -1.55 24.40 -2.65
C TRP A 259 -1.85 25.25 -1.41
N GLN A 260 -1.24 26.43 -1.32
CA GLN A 260 -1.57 27.41 -0.27
C GLN A 260 -2.90 28.16 -0.54
N SER A 261 -3.43 28.13 -1.77
CA SER A 261 -4.70 28.80 -2.11
C SER A 261 -5.98 28.05 -1.68
N CYS A 262 -5.83 26.86 -1.10
CA CYS A 262 -6.96 26.03 -0.71
C CYS A 262 -6.66 25.34 0.62
N GLU A 263 -7.67 25.20 1.48
CA GLU A 263 -7.50 24.64 2.83
C GLU A 263 -7.23 23.13 2.82
N ALA A 264 -7.92 22.39 1.95
CA ALA A 264 -7.72 20.94 1.82
C ALA A 264 -6.27 20.63 1.41
N LEU A 265 -5.79 21.31 0.38
CA LEU A 265 -4.43 21.11 -0.10
C LEU A 265 -3.38 21.58 0.92
N ARG A 266 -3.72 22.61 1.69
CA ARG A 266 -2.85 23.13 2.75
C ARG A 266 -2.71 22.11 3.90
N VAL A 267 -3.82 21.45 4.25
CA VAL A 267 -3.82 20.39 5.27
C VAL A 267 -3.06 19.14 4.78
N MET A 268 -3.30 18.75 3.53
CA MET A 268 -2.63 17.59 2.91
C MET A 268 -1.11 17.81 2.83
N ALA A 269 -0.71 19.03 2.44
CA ALA A 269 0.72 19.39 2.40
C ALA A 269 1.36 19.38 3.79
N LYS A 270 0.64 19.86 4.79
CA LYS A 270 1.12 19.80 6.18
C LYS A 270 1.34 18.35 6.62
N ILE A 271 0.37 17.48 6.30
CA ILE A 271 0.46 16.03 6.59
C ILE A 271 1.70 15.41 5.97
N MET A 272 1.88 15.64 4.66
CA MET A 272 3.02 15.09 3.92
C MET A 272 4.34 15.41 4.61
N ARG A 273 4.52 16.67 4.99
CA ARG A 273 5.76 17.11 5.65
C ARG A 273 6.00 16.41 6.97
N GLU A 274 4.93 16.12 7.71
CA GLU A 274 5.01 15.37 8.96
C GLU A 274 5.10 13.83 8.76
N CYS A 275 4.91 13.34 7.53
CA CYS A 275 5.31 11.98 7.15
C CYS A 275 6.77 11.86 6.71
N TRP A 276 7.38 12.99 6.33
CA TRP A 276 8.68 12.99 5.63
C TRP A 276 9.89 13.29 6.49
N TYR A 277 9.66 13.60 7.77
CA TYR A 277 10.75 13.77 8.72
C TYR A 277 11.78 12.66 8.59
N ALA A 278 13.05 13.06 8.52
CA ALA A 278 14.18 12.13 8.50
C ALA A 278 14.16 11.22 9.73
N ASN A 279 13.68 11.75 10.83
CA ASN A 279 13.50 11.02 12.08
C ASN A 279 12.09 10.41 12.17
N GLY A 280 12.02 9.09 12.10
CA GLY A 280 10.75 8.34 12.13
C GLY A 280 9.95 8.46 13.42
N ALA A 281 10.64 8.70 14.53
CA ALA A 281 9.98 8.84 15.83
C ALA A 281 9.04 10.05 15.95
N ALA A 282 9.22 11.05 15.09
CA ALA A 282 8.42 12.29 15.12
C ALA A 282 7.33 12.36 14.06
N ARG A 283 7.12 11.28 13.30
CA ARG A 283 6.12 11.29 12.23
C ARG A 283 4.74 11.05 12.80
N LEU A 284 3.72 11.45 12.04
CA LEU A 284 2.34 11.17 12.43
C LEU A 284 2.05 9.69 12.40
N THR A 285 1.03 9.28 13.14
CA THR A 285 0.50 7.93 13.07
C THR A 285 -0.63 7.88 12.04
N ALA A 286 -0.90 6.68 11.53
CA ALA A 286 -2.01 6.47 10.60
C ALA A 286 -3.35 6.87 11.22
N LEU A 287 -3.48 6.57 12.51
CA LEU A 287 -4.67 6.93 13.29
C LEU A 287 -4.82 8.45 13.43
N ARG A 288 -3.71 9.13 13.75
CA ARG A 288 -3.69 10.59 13.79
C ARG A 288 -4.08 11.18 12.44
N ILE A 289 -3.50 10.64 11.37
CA ILE A 289 -3.80 11.09 10.01
C ILE A 289 -5.27 10.84 9.65
N LYS A 290 -5.82 9.70 10.08
CA LYS A 290 -7.22 9.38 9.85
C LYS A 290 -8.15 10.42 10.49
N LYS A 291 -7.90 10.72 11.75
CA LYS A 291 -8.70 11.70 12.49
C LYS A 291 -8.71 13.07 11.81
N THR A 292 -7.54 13.54 11.38
CA THR A 292 -7.40 14.84 10.74
C THR A 292 -8.19 14.95 9.44
N LEU A 293 -8.03 13.95 8.57
CA LEU A 293 -8.76 13.91 7.30
C LEU A 293 -10.26 13.70 7.50
N SER A 294 -10.65 12.99 8.57
CA SER A 294 -12.06 12.87 8.96
C SER A 294 -12.69 14.22 9.28
N GLN A 295 -12.03 15.00 10.13
CA GLN A 295 -12.50 16.34 10.52
C GLN A 295 -12.48 17.31 9.34
N LEU A 296 -11.48 17.16 8.49
CA LEU A 296 -11.42 17.92 7.23
C LEU A 296 -12.59 17.59 6.32
N SER A 297 -12.87 16.28 6.19
CA SER A 297 -13.94 15.76 5.32
C SER A 297 -15.35 16.30 5.64
N GLN A 298 -15.55 16.78 6.87
CA GLN A 298 -16.85 17.27 7.35
C GLN A 298 -16.85 18.80 7.43
N GLN A 299 -16.49 19.45 6.31
CA GLN A 299 -16.42 20.91 6.20
C GLN A 299 -16.80 21.41 4.80
#